data_8Z8F
#
_entry.id   8Z8F
#
_cell.length_a   50.740
_cell.length_b   65.450
_cell.length_c   152.950
_cell.angle_alpha   90.000
_cell.angle_beta   90.000
_cell.angle_gamma   90.000
#
_symmetry.space_group_name_H-M   'P 21 21 21'
#
loop_
_entity.id
_entity.type
_entity.pdbx_description
1 polymer 'Cryptochrome photoreceptor'
2 non-polymer 'FLAVIN-ADENINE DINUCLEOTIDE'
3 non-polymer 'CHLORIDE ION'
4 water water
#
_entity_poly.entity_id   1
_entity_poly.type   'polypeptide(L)'
_entity_poly.pdbx_seq_one_letter_code
;MAGVKNSIIWFRKGLRLHDNPALLEACKDAKHVYPVFVLDPHFLQQSSYKVSVNRYNFLLESLEDLQRSFQARGSRLLVL
RGKPEEVFPRVFREWGVTQLCFEHDTEPYAKVRDAAVRRLAAEAGVEVVTPISHTLYDTDMLVARNGGAAPLTMQSFTKL
VDRVGDPPAPAPDPPAAMPPPAEDMPSAAPAATGVPTWQEVGFKEPPLTVFKGGETEALARLEAAFQDPKWVAGFQKPDT
DPSAWEKPATTVLSPYLKFGCLSARLFHARLLEVYRRHPAHSQPPVSLRGQLLWREFFYTVGSTTPNFHRMAGNPVCKQI
DWDDNPEFLAAWREARTGFPWIDAIMTQLVTWGWMHHLARHSVACFLTRGDLYVSWERGMEVFEEHLIDQDHYLNAANWM
WLSASAFFSQYFRVYSPVVFGKKYDPEGRFIRKFLPVLKDMPAKYIYEPWTAPLEVQRKAGCVVGRDYPAPIVDHAVASK
ACIARMAAAYRRSKGEKLAAALEHHHHHH
;
_entity_poly.pdbx_strand_id   A
#
loop_
_chem_comp.id
_chem_comp.type
_chem_comp.name
_chem_comp.formula
CL non-polymer 'CHLORIDE ION' 'Cl -1'
FAD non-polymer 'FLAVIN-ADENINE DINUCLEOTIDE' 'C27 H33 N9 O15 P2'
#
# COMPACT_ATOMS: atom_id res chain seq x y z
C GLY A 3 -17.63 5.12 -37.43
N VAL A 4 -17.21 4.20 -36.55
CA VAL A 4 -17.88 3.90 -35.25
C VAL A 4 -16.90 4.20 -34.12
N LYS A 5 -17.36 4.13 -32.87
CA LYS A 5 -16.46 4.48 -31.73
C LYS A 5 -16.06 3.20 -30.97
N ASN A 6 -14.97 2.57 -31.37
CA ASN A 6 -14.46 1.40 -30.58
C ASN A 6 -13.48 1.95 -29.54
N SER A 7 -13.67 1.61 -28.27
CA SER A 7 -12.82 2.23 -27.21
C SER A 7 -12.15 1.18 -26.34
N ILE A 8 -11.04 1.56 -25.69
CA ILE A 8 -10.34 0.66 -24.78
C ILE A 8 -10.22 1.34 -23.43
N ILE A 9 -10.69 0.67 -22.39
CA ILE A 9 -10.50 1.13 -21.02
C ILE A 9 -9.36 0.32 -20.41
N TRP A 10 -8.21 0.97 -20.25
CA TRP A 10 -6.99 0.29 -19.80
C TRP A 10 -6.90 0.34 -18.28
N PHE A 11 -6.79 -0.83 -17.66
CA PHE A 11 -6.70 -0.95 -16.21
C PHE A 11 -5.25 -1.15 -15.80
N ARG A 12 -4.75 -0.26 -14.93
CA ARG A 12 -3.47 -0.48 -14.25
C ARG A 12 -3.71 -0.39 -12.75
N LYS A 13 -4.06 0.78 -12.24
CA LYS A 13 -4.71 0.95 -10.96
C LYS A 13 -6.21 1.14 -11.21
N GLY A 14 -6.93 1.57 -10.18
CA GLY A 14 -8.36 1.81 -10.33
C GLY A 14 -9.14 0.61 -10.79
N LEU A 15 -8.84 -0.57 -10.23
CA LEU A 15 -9.53 -1.80 -10.60
C LEU A 15 -10.91 -1.80 -9.95
N ARG A 16 -11.81 -1.01 -10.53
CA ARG A 16 -13.13 -0.80 -9.95
C ARG A 16 -14.08 -0.31 -11.03
N LEU A 17 -15.37 -0.48 -10.76
CA LEU A 17 -16.41 0.08 -11.61
C LEU A 17 -17.02 1.36 -11.05
N HIS A 18 -17.11 1.48 -9.73
CA HIS A 18 -17.62 2.70 -9.13
C HIS A 18 -16.57 3.80 -9.18
N ASP A 19 -16.96 5.05 -9.35
CA ASP A 19 -15.99 6.17 -9.51
C ASP A 19 -14.85 5.77 -10.44
N ASN A 20 -15.19 5.34 -11.66
CA ASN A 20 -14.16 5.12 -12.69
C ASN A 20 -14.58 6.07 -13.81
N PRO A 21 -14.06 7.29 -13.82
CA PRO A 21 -14.46 8.31 -14.78
C PRO A 21 -13.97 8.05 -16.21
N ALA A 22 -13.12 7.05 -16.39
CA ALA A 22 -12.62 6.68 -17.71
C ALA A 22 -13.53 5.60 -18.30
N LEU A 23 -13.95 4.64 -17.50
CA LEU A 23 -14.95 3.64 -17.97
C LEU A 23 -16.14 4.42 -18.48
N LEU A 24 -16.49 5.53 -17.82
CA LEU A 24 -17.72 6.17 -18.30
C LEU A 24 -17.50 6.83 -19.65
N GLU A 25 -16.34 7.46 -19.85
CA GLU A 25 -16.04 8.05 -21.16
C GLU A 25 -15.85 6.98 -22.22
N ALA A 26 -15.26 5.83 -21.86
CA ALA A 26 -15.05 4.77 -22.82
C ALA A 26 -16.37 4.13 -23.26
N CYS A 27 -17.38 4.15 -22.41
CA CYS A 27 -18.68 3.57 -22.74
C CYS A 27 -19.62 4.54 -23.43
N LYS A 28 -19.24 5.81 -23.49
CA LYS A 28 -20.13 6.85 -24.07
C LYS A 28 -20.11 6.81 -25.58
N ASP A 29 -21.28 6.58 -26.16
CA ASP A 29 -21.40 6.53 -27.63
C ASP A 29 -20.49 5.49 -28.25
N ALA A 30 -20.27 4.38 -27.55
CA ALA A 30 -19.32 3.37 -27.98
C ALA A 30 -20.06 2.17 -28.56
N LYS A 31 -19.57 1.68 -29.69
CA LYS A 31 -20.19 0.48 -30.32
C LYS A 31 -19.58 -0.76 -29.65
N HIS A 32 -18.30 -0.71 -29.32
CA HIS A 32 -17.57 -1.81 -28.71
C HIS A 32 -16.60 -1.26 -27.68
N VAL A 33 -16.57 -1.86 -26.50
CA VAL A 33 -15.67 -1.46 -25.42
C VAL A 33 -14.80 -2.66 -25.07
N TYR A 34 -13.49 -2.43 -24.95
CA TYR A 34 -12.55 -3.50 -24.65
C TYR A 34 -11.89 -3.26 -23.30
N PRO A 35 -12.38 -3.87 -22.21
CA PRO A 35 -11.66 -3.78 -20.93
C PRO A 35 -10.35 -4.55 -21.01
N VAL A 36 -9.24 -3.84 -20.83
CA VAL A 36 -7.91 -4.38 -21.08
C VAL A 36 -7.06 -4.23 -19.82
N PHE A 37 -6.38 -5.32 -19.45
CA PHE A 37 -5.35 -5.29 -18.42
C PHE A 37 -4.10 -5.96 -19.01
N VAL A 38 -2.99 -5.24 -19.02
CA VAL A 38 -1.75 -5.73 -19.61
C VAL A 38 -0.97 -6.48 -18.54
N LEU A 39 -0.76 -7.78 -18.72
CA LEU A 39 -0.09 -8.60 -17.67
C LEU A 39 1.28 -9.05 -18.16
N ASP A 40 2.32 -8.76 -17.38
CA ASP A 40 3.70 -9.09 -17.76
C ASP A 40 3.92 -10.59 -17.52
N PRO A 41 4.03 -11.42 -18.58
CA PRO A 41 4.14 -12.88 -18.44
C PRO A 41 5.35 -13.38 -17.65
N HIS A 42 6.42 -12.58 -17.58
CA HIS A 42 7.66 -12.98 -16.86
C HIS A 42 7.64 -12.31 -15.49
N PHE A 43 8.45 -11.26 -15.27
CA PHE A 43 8.43 -10.48 -14.00
C PHE A 43 8.84 -11.36 -12.82
N LEU A 44 8.27 -12.56 -12.72
CA LEU A 44 8.61 -13.49 -11.60
C LEU A 44 9.95 -14.18 -11.90
N GLN A 45 10.56 -13.86 -13.05
CA GLN A 45 11.86 -14.46 -13.44
C GLN A 45 12.95 -13.39 -13.35
N GLN A 46 12.58 -12.14 -13.06
CA GLN A 46 13.55 -11.03 -12.94
C GLN A 46 14.53 -11.35 -11.81
N LYS A 50 11.12 -10.56 -5.17
CA LYS A 50 10.77 -9.16 -5.38
C LYS A 50 9.29 -8.93 -5.12
N VAL A 51 8.46 -9.90 -5.53
CA VAL A 51 7.01 -9.84 -5.37
C VAL A 51 6.55 -11.13 -4.70
N SER A 52 5.87 -11.00 -3.56
CA SER A 52 5.35 -12.16 -2.86
CA SER A 52 5.36 -12.16 -2.86
C SER A 52 4.08 -12.67 -3.54
N VAL A 53 3.68 -13.89 -3.15
CA VAL A 53 2.46 -14.48 -3.69
C VAL A 53 1.22 -13.88 -3.04
N ASN A 54 1.39 -13.15 -1.95
CA ASN A 54 0.26 -12.48 -1.24
C ASN A 54 -0.24 -11.29 -2.07
N ARG A 55 0.65 -10.39 -2.49
CA ARG A 55 0.21 -9.21 -3.24
C ARG A 55 -0.22 -9.56 -4.66
N TYR A 56 0.49 -10.49 -5.31
CA TYR A 56 0.15 -10.86 -6.70
C TYR A 56 -1.20 -11.60 -6.70
N ASN A 57 -1.42 -12.52 -5.76
CA ASN A 57 -2.73 -13.15 -5.76
C ASN A 57 -3.82 -12.15 -5.38
N PHE A 58 -3.49 -11.17 -4.55
CA PHE A 58 -4.45 -10.10 -4.26
C PHE A 58 -4.79 -9.33 -5.53
N LEU A 59 -3.81 -9.16 -6.42
CA LEU A 59 -4.09 -8.53 -7.71
C LEU A 59 -4.92 -9.44 -8.61
N LEU A 60 -4.61 -10.73 -8.61
CA LEU A 60 -5.38 -11.67 -9.43
C LEU A 60 -6.82 -11.77 -8.97
N GLU A 61 -7.05 -11.80 -7.65
CA GLU A 61 -8.41 -11.83 -7.15
C GLU A 61 -9.16 -10.55 -7.47
N SER A 62 -8.44 -9.42 -7.52
CA SER A 62 -9.07 -8.16 -7.93
C SER A 62 -9.45 -8.20 -9.41
N LEU A 63 -8.68 -8.90 -10.23
CA LEU A 63 -9.03 -9.04 -11.65
C LEU A 63 -10.21 -9.98 -11.84
N GLU A 64 -10.29 -11.04 -11.01
CA GLU A 64 -11.45 -11.93 -11.07
C GLU A 64 -12.73 -11.22 -10.67
N ASP A 65 -12.63 -10.25 -9.76
CA ASP A 65 -13.80 -9.48 -9.36
C ASP A 65 -14.28 -8.58 -10.50
N LEU A 66 -13.35 -7.97 -11.23
CA LEU A 66 -13.72 -7.21 -12.43
C LEU A 66 -14.30 -8.12 -13.49
N GLN A 67 -13.83 -9.36 -13.59
CA GLN A 67 -14.34 -10.30 -14.58
C GLN A 67 -15.81 -10.63 -14.31
N ARG A 68 -16.13 -10.97 -13.06
CA ARG A 68 -17.52 -11.32 -12.75
C ARG A 68 -18.44 -10.11 -12.84
N SER A 69 -17.89 -8.92 -12.58
CA SER A 69 -18.68 -7.66 -12.66
C SER A 69 -18.95 -7.25 -14.11
N PHE A 70 -18.05 -7.59 -15.03
CA PHE A 70 -18.19 -7.16 -16.44
C PHE A 70 -19.09 -8.17 -17.14
N GLN A 71 -19.05 -9.40 -16.67
CA GLN A 71 -19.88 -10.46 -17.30
C GLN A 71 -21.33 -10.24 -16.89
N ALA A 72 -21.53 -9.75 -15.67
CA ALA A 72 -22.89 -9.43 -15.19
C ALA A 72 -23.45 -8.25 -15.97
N ARG A 73 -22.64 -7.56 -16.77
CA ARG A 73 -23.11 -6.46 -17.59
C ARG A 73 -22.92 -6.74 -19.07
N GLY A 74 -22.80 -8.01 -19.46
CA GLY A 74 -22.69 -8.37 -20.86
C GLY A 74 -21.34 -8.13 -21.49
N SER A 75 -20.27 -8.04 -20.71
CA SER A 75 -18.94 -7.78 -21.25
C SER A 75 -17.98 -8.88 -20.79
N ARG A 76 -16.68 -8.58 -20.84
CA ARG A 76 -15.65 -9.55 -20.51
C ARG A 76 -14.31 -8.84 -20.35
N LEU A 77 -13.58 -9.19 -19.30
CA LEU A 77 -12.27 -8.60 -19.05
C LEU A 77 -11.21 -9.32 -19.89
N LEU A 78 -10.34 -8.55 -20.55
CA LEU A 78 -9.29 -9.10 -21.39
C LEU A 78 -7.94 -8.86 -20.71
N VAL A 79 -7.32 -9.94 -20.26
CA VAL A 79 -6.01 -9.89 -19.61
C VAL A 79 -4.98 -10.23 -20.69
N LEU A 80 -4.40 -9.20 -21.30
CA LEU A 80 -3.44 -9.40 -22.39
C LEU A 80 -2.04 -9.69 -21.84
N ARG A 81 -1.32 -10.55 -22.55
CA ARG A 81 0.04 -10.92 -22.19
C ARG A 81 1.04 -10.10 -23.01
N GLY A 82 2.11 -9.68 -22.37
CA GLY A 82 3.18 -8.94 -23.01
C GLY A 82 3.36 -7.57 -22.39
N LYS A 83 4.14 -6.74 -23.08
CA LYS A 83 4.40 -5.36 -22.63
C LYS A 83 3.47 -4.41 -23.35
N PRO A 84 3.07 -3.28 -22.74
CA PRO A 84 2.11 -2.34 -23.35
C PRO A 84 2.60 -1.72 -24.65
N GLU A 85 3.90 -1.41 -24.74
CA GLU A 85 4.45 -0.81 -25.95
C GLU A 85 4.40 -1.75 -27.14
N GLU A 86 4.28 -3.05 -26.89
CA GLU A 86 4.25 -4.06 -27.98
C GLU A 86 2.84 -4.56 -28.25
N VAL A 87 1.96 -4.49 -27.27
CA VAL A 87 0.62 -5.06 -27.40
C VAL A 87 -0.37 -4.05 -27.97
N PHE A 88 -0.31 -2.80 -27.51
CA PHE A 88 -1.28 -1.81 -27.93
C PHE A 88 -1.23 -1.48 -29.42
N PRO A 89 -0.07 -1.29 -30.06
CA PRO A 89 -0.08 -1.02 -31.51
C PRO A 89 -0.77 -2.11 -32.32
N ARG A 90 -0.75 -3.35 -31.85
CA ARG A 90 -1.43 -4.43 -32.57
C ARG A 90 -2.94 -4.32 -32.43
N VAL A 91 -3.44 -4.27 -31.20
CA VAL A 91 -4.88 -4.24 -30.96
C VAL A 91 -5.52 -2.92 -31.32
N PHE A 92 -4.73 -1.87 -31.57
CA PHE A 92 -5.30 -0.61 -32.05
C PHE A 92 -5.88 -0.79 -33.45
N ARG A 93 -5.12 -1.38 -34.36
CA ARG A 93 -5.57 -1.60 -35.73
C ARG A 93 -6.36 -2.89 -35.89
N GLU A 94 -6.26 -3.81 -34.94
CA GLU A 94 -7.04 -5.04 -35.01
C GLU A 94 -8.49 -4.80 -34.61
N TRP A 95 -8.72 -3.94 -33.62
CA TRP A 95 -10.04 -3.66 -33.10
C TRP A 95 -10.63 -2.36 -33.65
N GLY A 96 -9.88 -1.62 -34.45
CA GLY A 96 -10.37 -0.35 -34.97
C GLY A 96 -10.62 0.65 -33.86
N VAL A 97 -9.61 0.82 -32.99
CA VAL A 97 -9.77 1.64 -31.80
C VAL A 97 -9.68 3.11 -32.20
N THR A 98 -10.59 3.93 -31.66
CA THR A 98 -10.59 5.36 -31.87
C THR A 98 -10.43 6.16 -30.59
N GLN A 99 -10.41 5.51 -29.43
CA GLN A 99 -10.23 6.22 -28.17
C GLN A 99 -9.61 5.27 -27.16
N LEU A 100 -8.69 5.80 -26.34
CA LEU A 100 -8.03 5.05 -25.28
C LEU A 100 -8.19 5.82 -23.98
N CYS A 101 -8.75 5.16 -22.97
CA CYS A 101 -8.98 5.77 -21.66
C CYS A 101 -8.31 4.94 -20.58
N PHE A 102 -7.62 5.63 -19.66
CA PHE A 102 -7.03 4.98 -18.51
C PHE A 102 -6.79 6.01 -17.42
N GLU A 103 -6.78 5.55 -16.18
CA GLU A 103 -6.63 6.45 -15.04
C GLU A 103 -5.22 7.01 -14.98
N HIS A 104 -5.11 8.28 -14.59
CA HIS A 104 -3.82 8.94 -14.54
C HIS A 104 -2.98 8.40 -13.39
N ASP A 105 -1.67 8.21 -13.62
CA ASP A 105 -0.73 7.74 -12.57
C ASP A 105 0.48 8.66 -12.52
N THR A 106 0.77 9.22 -11.34
CA THR A 106 1.88 10.19 -11.15
C THR A 106 3.17 9.47 -10.76
N GLU A 107 3.23 8.15 -10.94
CA GLU A 107 4.41 7.35 -10.52
C GLU A 107 5.49 7.45 -11.60
N PRO A 108 6.79 7.33 -11.22
CA PRO A 108 7.90 7.50 -12.18
C PRO A 108 7.92 6.49 -13.34
N TYR A 109 7.80 5.18 -13.10
CA TYR A 109 7.71 4.25 -14.23
C TYR A 109 6.46 4.50 -15.06
N ALA A 110 5.37 4.93 -14.43
CA ALA A 110 4.14 5.18 -15.17
C ALA A 110 4.27 6.39 -16.09
N LYS A 111 4.96 7.40 -15.61
CA LYS A 111 5.08 8.63 -16.42
C LYS A 111 5.80 8.28 -17.72
N VAL A 112 6.74 7.33 -17.67
CA VAL A 112 7.54 6.93 -18.86
C VAL A 112 6.68 6.02 -19.73
N ARG A 113 6.10 4.99 -19.13
CA ARG A 113 5.23 4.07 -19.84
C ARG A 113 4.08 4.81 -20.53
N ASP A 114 3.46 5.78 -19.85
CA ASP A 114 2.32 6.46 -20.50
C ASP A 114 2.83 7.37 -21.63
N ALA A 115 3.97 8.04 -21.44
CA ALA A 115 4.56 8.88 -22.50
C ALA A 115 4.72 8.04 -23.76
N ALA A 116 5.19 6.81 -23.66
CA ALA A 116 5.39 5.92 -24.82
C ALA A 116 4.07 5.51 -25.48
N VAL A 117 3.08 5.07 -24.72
CA VAL A 117 1.78 4.59 -25.29
C VAL A 117 1.08 5.75 -25.99
N ARG A 118 1.05 6.95 -25.37
CA ARG A 118 0.40 8.11 -25.99
C ARG A 118 0.93 8.37 -27.40
N ARG A 119 2.25 8.35 -27.58
CA ARG A 119 2.83 8.57 -28.90
C ARG A 119 2.33 7.54 -29.90
N LEU A 120 2.25 6.27 -29.48
CA LEU A 120 1.71 5.20 -30.33
C LEU A 120 0.24 5.47 -30.57
N ALA A 121 -0.49 5.89 -29.54
CA ALA A 121 -1.90 6.17 -29.81
C ALA A 121 -2.06 7.33 -30.79
N ALA A 122 -1.13 8.28 -30.78
CA ALA A 122 -1.20 9.38 -31.73
C ALA A 122 -0.84 8.93 -33.14
N GLU A 123 -0.02 7.89 -33.27
CA GLU A 123 0.34 7.38 -34.59
C GLU A 123 -0.82 6.66 -35.25
N ALA A 124 -1.68 6.01 -34.45
CA ALA A 124 -2.81 5.26 -34.97
C ALA A 124 -4.10 6.07 -34.96
N GLY A 125 -4.01 7.39 -34.76
CA GLY A 125 -5.20 8.23 -34.77
C GLY A 125 -6.16 7.93 -33.65
N VAL A 126 -5.63 7.60 -32.46
CA VAL A 126 -6.43 7.25 -31.30
C VAL A 126 -6.42 8.41 -30.32
N GLU A 127 -7.58 8.67 -29.72
CA GLU A 127 -7.74 9.74 -28.73
C GLU A 127 -7.41 9.20 -27.35
N VAL A 128 -6.61 9.96 -26.59
CA VAL A 128 -6.18 9.57 -25.25
C VAL A 128 -6.90 10.45 -24.25
N VAL A 129 -7.65 9.83 -23.33
CA VAL A 129 -8.37 10.52 -22.28
C VAL A 129 -7.91 9.94 -20.94
N THR A 130 -7.26 10.77 -20.13
CA THR A 130 -6.70 10.34 -18.84
C THR A 130 -7.26 11.22 -17.74
N PRO A 131 -8.34 10.80 -17.09
CA PRO A 131 -8.87 11.55 -15.95
C PRO A 131 -8.14 11.19 -14.67
N ILE A 132 -8.42 11.96 -13.63
CA ILE A 132 -7.75 11.83 -12.34
C ILE A 132 -8.76 11.27 -11.35
N SER A 133 -8.48 10.07 -10.85
CA SER A 133 -9.36 9.45 -9.87
C SER A 133 -8.63 8.52 -8.90
N HIS A 134 -7.29 8.38 -8.99
CA HIS A 134 -6.56 7.59 -8.02
C HIS A 134 -6.34 8.35 -6.73
N THR A 135 -6.16 9.66 -6.80
CA THR A 135 -5.98 10.54 -5.65
C THR A 135 -7.25 11.36 -5.45
N LEU A 136 -7.24 12.20 -4.41
CA LEU A 136 -8.39 13.06 -4.14
C LEU A 136 -8.42 14.24 -5.09
N TYR A 137 -7.33 15.00 -5.17
CA TYR A 137 -7.30 16.23 -5.99
C TYR A 137 -6.29 16.13 -7.14
N ASP A 138 -6.34 17.06 -8.09
CA ASP A 138 -5.24 17.11 -9.08
C ASP A 138 -3.98 17.48 -8.28
N THR A 139 -3.07 16.52 -8.14
CA THR A 139 -1.86 16.72 -7.31
C THR A 139 -0.98 17.82 -7.95
N ASP A 140 -1.29 18.18 -9.19
CA ASP A 140 -0.51 19.23 -9.90
C ASP A 140 -1.16 20.59 -9.68
N MET A 141 -2.47 20.62 -9.46
CA MET A 141 -3.18 21.87 -9.16
C MET A 141 -2.81 22.30 -7.74
N LEU A 142 -2.51 21.30 -6.90
CA LEU A 142 -2.14 21.59 -5.51
C LEU A 142 -0.75 22.21 -5.51
N VAL A 143 0.11 21.82 -6.46
CA VAL A 143 1.41 22.48 -6.49
C VAL A 143 1.31 23.85 -7.17
N ALA A 144 0.41 23.99 -8.14
CA ALA A 144 0.27 25.27 -8.83
C ALA A 144 -0.32 26.34 -7.91
N ARG A 145 -1.38 26.01 -7.17
CA ARG A 145 -2.01 26.97 -6.29
C ARG A 145 -1.11 27.38 -5.12
N ASN A 146 -0.15 26.53 -4.77
CA ASN A 146 0.78 26.81 -3.68
C ASN A 146 1.91 27.75 -4.09
N GLY A 147 1.98 28.11 -5.37
CA GLY A 147 3.01 28.99 -5.88
C GLY A 147 3.95 28.35 -6.88
N GLY A 148 3.98 27.02 -6.94
CA GLY A 148 4.87 26.32 -7.85
C GLY A 148 5.76 25.33 -7.13
N ALA A 149 5.48 25.11 -5.84
CA ALA A 149 6.24 24.18 -5.03
C ALA A 149 5.30 23.43 -4.10
N ALA A 150 5.56 22.14 -3.92
CA ALA A 150 4.71 21.32 -3.06
C ALA A 150 5.00 21.61 -1.58
N PRO A 151 3.97 21.58 -0.73
CA PRO A 151 4.20 21.77 0.70
C PRO A 151 5.08 20.67 1.29
N LEU A 152 5.85 21.03 2.30
CA LEU A 152 6.73 20.07 2.97
C LEU A 152 6.31 19.74 4.40
N THR A 153 5.18 20.25 4.86
CA THR A 153 4.65 19.90 6.18
C THR A 153 3.18 19.56 6.07
N MET A 154 2.72 18.69 6.98
CA MET A 154 1.31 18.33 6.96
C MET A 154 0.43 19.53 7.33
N GLN A 155 0.88 20.35 8.26
N GLN A 155 0.89 20.36 8.25
CA GLN A 155 0.13 21.58 8.62
CA GLN A 155 0.13 21.58 8.63
C GLN A 155 -0.12 22.41 7.36
C GLN A 155 -0.11 22.43 7.39
N SER A 156 0.94 22.70 6.60
CA SER A 156 0.79 23.58 5.44
C SER A 156 -0.06 22.92 4.37
N PHE A 157 -0.06 21.59 4.25
CA PHE A 157 -0.80 20.94 3.14
C PHE A 157 -2.29 20.93 3.45
N THR A 158 -2.60 20.74 4.73
CA THR A 158 -4.01 20.67 5.18
C THR A 158 -4.60 22.08 5.08
N LYS A 159 -3.75 23.08 5.18
CA LYS A 159 -4.22 24.48 5.02
C LYS A 159 -4.38 24.80 3.53
N LEU A 160 -3.77 24.00 2.67
CA LEU A 160 -3.87 24.19 1.24
C LEU A 160 -5.12 23.54 0.67
N VAL A 161 -5.39 22.29 1.07
CA VAL A 161 -6.57 21.60 0.56
C VAL A 161 -7.85 22.24 1.07
N ASP A 162 -7.80 22.87 2.26
CA ASP A 162 -8.96 23.59 2.75
C ASP A 162 -9.20 24.88 1.97
N ARG A 163 -8.15 25.47 1.39
CA ARG A 163 -8.35 26.63 0.55
C ARG A 163 -8.84 26.26 -0.84
N VAL A 164 -8.47 25.08 -1.33
CA VAL A 164 -9.04 24.58 -2.58
C VAL A 164 -10.50 24.21 -2.40
N GLY A 165 -10.82 23.51 -1.32
CA GLY A 165 -12.18 23.15 -1.01
C GLY A 165 -12.40 21.66 -1.04
N ASP A 166 -13.65 21.27 -1.27
CA ASP A 166 -14.00 19.86 -1.29
C ASP A 166 -13.45 19.20 -2.55
N PRO A 167 -12.99 17.96 -2.45
CA PRO A 167 -12.53 17.23 -3.63
C PRO A 167 -13.70 16.87 -4.53
N PRO A 168 -13.44 16.52 -5.79
CA PRO A 168 -14.54 16.17 -6.69
C PRO A 168 -15.34 14.99 -6.17
N ALA A 169 -16.63 14.99 -6.48
CA ALA A 169 -17.52 13.92 -6.05
C ALA A 169 -17.22 12.64 -6.84
N PRO A 170 -17.56 11.48 -6.29
CA PRO A 170 -17.35 10.24 -7.03
C PRO A 170 -18.23 10.18 -8.27
N ALA A 171 -17.68 9.62 -9.34
CA ALA A 171 -18.41 9.52 -10.59
C ALA A 171 -19.56 8.53 -10.46
N PRO A 172 -20.64 8.72 -11.23
CA PRO A 172 -21.77 7.80 -11.16
C PRO A 172 -21.41 6.40 -11.66
N ASP A 173 -22.26 5.45 -11.29
CA ASP A 173 -22.03 4.07 -11.68
C ASP A 173 -22.17 3.88 -13.18
N PRO A 174 -21.42 2.95 -13.76
CA PRO A 174 -21.56 2.68 -15.20
C PRO A 174 -22.90 2.04 -15.52
N PRO A 175 -23.33 2.05 -16.77
CA PRO A 175 -24.63 1.48 -17.11
C PRO A 175 -24.66 -0.03 -16.86
N ALA A 176 -25.89 -0.54 -16.67
CA ALA A 176 -26.09 -1.95 -16.39
C ALA A 176 -25.75 -2.84 -17.57
N ALA A 177 -25.69 -2.29 -18.78
CA ALA A 177 -25.32 -3.03 -19.98
C ALA A 177 -24.19 -2.28 -20.68
N MET A 178 -23.10 -2.99 -20.97
CA MET A 178 -21.93 -2.39 -21.59
C MET A 178 -21.72 -2.93 -23.00
N PRO A 179 -21.18 -2.13 -23.91
CA PRO A 179 -20.86 -2.62 -25.25
C PRO A 179 -19.79 -3.69 -25.19
N PRO A 180 -20.12 -4.93 -25.56
CA PRO A 180 -19.16 -6.04 -25.41
C PRO A 180 -18.07 -5.94 -26.46
N PRO A 181 -16.97 -6.65 -26.29
CA PRO A 181 -15.94 -6.70 -27.33
C PRO A 181 -16.49 -7.35 -28.60
N ALA A 182 -15.88 -7.01 -29.73
CA ALA A 182 -16.31 -7.57 -31.01
C ALA A 182 -16.04 -9.07 -31.03
N GLU A 183 -16.90 -9.76 -31.74
CA GLU A 183 -16.81 -11.23 -31.78
C GLU A 183 -15.73 -11.70 -32.75
N ASP A 184 -15.11 -12.82 -32.43
CA ASP A 184 -14.13 -13.46 -33.32
C ASP A 184 -12.94 -12.54 -33.59
N MET A 185 -12.40 -11.96 -32.53
CA MET A 185 -11.15 -11.21 -32.64
C MET A 185 -10.00 -12.06 -32.15
N PRO A 186 -8.91 -12.18 -32.92
CA PRO A 186 -7.84 -13.13 -32.53
C PRO A 186 -7.18 -12.77 -31.20
N SER A 187 -6.90 -11.49 -30.95
CA SER A 187 -6.27 -11.11 -29.69
C SER A 187 -7.23 -11.13 -28.51
N ALA A 188 -8.52 -11.31 -28.75
CA ALA A 188 -9.51 -11.37 -27.69
C ALA A 188 -10.02 -12.79 -27.44
N ALA A 189 -9.17 -13.79 -27.71
CA ALA A 189 -9.57 -15.17 -27.48
C ALA A 189 -9.65 -15.45 -25.98
N PRO A 190 -10.66 -16.19 -25.53
CA PRO A 190 -10.79 -16.45 -24.08
C PRO A 190 -9.62 -17.21 -23.49
N ALA A 191 -9.03 -18.14 -24.24
CA ALA A 191 -7.92 -18.93 -23.71
C ALA A 191 -6.65 -18.09 -23.55
N ALA A 192 -6.56 -16.95 -24.23
CA ALA A 192 -5.39 -16.08 -24.13
C ALA A 192 -5.60 -14.89 -23.23
N THR A 193 -6.86 -14.52 -23.00
CA THR A 193 -7.18 -13.29 -22.22
C THR A 193 -7.80 -13.65 -20.86
N GLY A 194 -7.53 -14.85 -20.37
CA GLY A 194 -8.10 -15.27 -19.12
C GLY A 194 -7.26 -14.85 -17.91
N VAL A 195 -7.93 -14.76 -16.77
CA VAL A 195 -7.26 -14.39 -15.52
C VAL A 195 -6.53 -15.61 -14.98
N PRO A 196 -5.20 -15.59 -14.90
CA PRO A 196 -4.46 -16.76 -14.45
C PRO A 196 -4.45 -16.87 -12.93
N THR A 197 -4.17 -18.08 -12.47
CA THR A 197 -4.03 -18.36 -11.05
C THR A 197 -2.58 -18.18 -10.61
N TRP A 198 -2.36 -18.25 -9.29
CA TRP A 198 -1.02 -18.04 -8.76
C TRP A 198 -0.08 -19.19 -9.09
N GLN A 199 -0.62 -20.38 -9.38
CA GLN A 199 0.24 -21.50 -9.77
C GLN A 199 0.73 -21.34 -11.22
N GLU A 200 -0.13 -20.84 -12.10
CA GLU A 200 0.23 -20.74 -13.51
C GLU A 200 1.29 -19.67 -13.76
N VAL A 201 1.27 -18.59 -12.96
CA VAL A 201 2.24 -17.52 -13.15
C VAL A 201 3.63 -17.87 -12.64
N GLY A 202 3.75 -18.95 -11.86
CA GLY A 202 5.06 -19.41 -11.45
C GLY A 202 5.36 -19.29 -9.98
N PHE A 203 4.34 -19.55 -9.17
CA PHE A 203 4.51 -19.53 -7.71
C PHE A 203 4.25 -20.96 -7.24
N LYS A 204 5.15 -21.47 -6.42
CA LYS A 204 5.00 -22.84 -5.91
C LYS A 204 4.48 -22.79 -4.48
N GLU A 205 4.27 -21.59 -3.96
CA GLU A 205 3.85 -21.45 -2.55
C GLU A 205 2.48 -20.78 -2.48
N PRO A 206 1.55 -21.34 -1.68
CA PRO A 206 0.20 -20.77 -1.62
C PRO A 206 0.18 -19.47 -0.84
N PRO A 207 -0.78 -18.55 -1.07
CA PRO A 207 -0.86 -17.36 -0.23
C PRO A 207 -1.55 -17.67 1.10
N LEU A 208 -1.08 -17.01 2.16
CA LEU A 208 -1.60 -17.21 3.51
C LEU A 208 -2.34 -16.01 4.06
N THR A 209 -2.51 -14.94 3.27
CA THR A 209 -3.16 -13.75 3.77
C THR A 209 -4.65 -14.00 3.98
N VAL A 210 -5.25 -13.21 4.88
CA VAL A 210 -6.67 -13.33 5.18
C VAL A 210 -7.50 -12.26 4.46
N PHE A 211 -6.86 -11.32 3.77
CA PHE A 211 -7.56 -10.26 3.07
C PHE A 211 -7.68 -10.62 1.60
N LYS A 212 -8.91 -10.76 1.14
CA LYS A 212 -9.17 -11.10 -0.27
C LYS A 212 -9.27 -9.82 -1.12
N GLY A 213 -8.82 -9.89 -2.36
CA GLY A 213 -8.85 -8.75 -3.25
C GLY A 213 -10.12 -8.66 -4.06
N GLY A 214 -10.42 -7.45 -4.52
CA GLY A 214 -11.58 -7.21 -5.35
C GLY A 214 -12.36 -5.98 -4.93
N GLU A 215 -13.10 -5.41 -5.89
CA GLU A 215 -13.95 -4.26 -5.60
C GLU A 215 -15.11 -4.64 -4.67
N THR A 216 -15.63 -5.86 -4.83
CA THR A 216 -16.75 -6.30 -3.99
C THR A 216 -16.34 -6.36 -2.52
N GLU A 217 -15.14 -6.87 -2.24
CA GLU A 217 -14.66 -6.92 -0.87
C GLU A 217 -14.34 -5.54 -0.33
N ALA A 218 -13.89 -4.63 -1.20
CA ALA A 218 -13.57 -3.28 -0.76
C ALA A 218 -14.83 -2.52 -0.34
N LEU A 219 -15.92 -2.68 -1.10
CA LEU A 219 -17.17 -2.02 -0.75
C LEU A 219 -17.79 -2.64 0.50
N ALA A 220 -17.63 -3.95 0.69
CA ALA A 220 -18.18 -4.60 1.87
C ALA A 220 -17.43 -4.21 3.13
N ARG A 221 -16.10 -4.14 3.06
CA ARG A 221 -15.32 -3.72 4.22
C ARG A 221 -15.51 -2.24 4.51
N LEU A 222 -15.85 -1.44 3.50
CA LEU A 222 -16.17 -0.04 3.72
C LEU A 222 -17.46 0.11 4.52
N GLU A 223 -18.51 -0.63 4.13
CA GLU A 223 -19.77 -0.55 4.84
C GLU A 223 -19.66 -1.10 6.25
N ALA A 224 -18.74 -2.04 6.48
CA ALA A 224 -18.54 -2.58 7.82
C ALA A 224 -17.90 -1.55 8.75
N ALA A 225 -16.97 -0.74 8.21
CA ALA A 225 -16.35 0.30 9.03
C ALA A 225 -17.33 1.43 9.35
N PHE A 226 -18.32 1.66 8.49
CA PHE A 226 -19.32 2.69 8.71
C PHE A 226 -20.57 2.18 9.42
N GLN A 227 -20.53 0.95 9.94
CA GLN A 227 -21.65 0.47 10.75
C GLN A 227 -21.76 1.26 12.05
N ASP A 228 -20.65 1.74 12.59
CA ASP A 228 -20.65 2.57 13.78
C ASP A 228 -20.13 3.96 13.41
N PRO A 229 -21.01 4.93 13.14
CA PRO A 229 -20.51 6.26 12.78
C PRO A 229 -19.80 6.96 13.93
N LYS A 230 -20.07 6.59 15.18
CA LYS A 230 -19.42 7.16 16.38
C LYS A 230 -17.95 6.74 16.43
N TRP A 231 -17.65 5.58 15.90
CA TRP A 231 -16.25 5.15 15.78
C TRP A 231 -15.56 5.83 14.61
N VAL A 232 -16.31 6.14 13.54
CA VAL A 232 -15.72 6.82 12.39
C VAL A 232 -15.41 8.28 12.73
N ALA A 233 -16.32 8.94 13.44
CA ALA A 233 -16.15 10.36 13.72
C ALA A 233 -15.00 10.60 14.70
N GLY A 234 -15.00 9.90 15.82
CA GLY A 234 -13.98 10.10 16.84
C GLY A 234 -12.71 9.30 16.60
N PHE A 235 -12.41 9.01 15.33
CA PHE A 235 -11.22 8.24 15.00
C PHE A 235 -9.97 9.07 15.27
N GLN A 236 -9.09 8.54 16.14
CA GLN A 236 -7.78 9.13 16.37
C GLN A 236 -6.73 8.07 16.10
N LYS A 237 -5.94 8.22 15.05
CA LYS A 237 -4.97 7.17 14.62
C LYS A 237 -3.92 6.86 15.71
N PRO A 238 -3.25 7.86 16.32
CA PRO A 238 -2.19 7.58 17.29
C PRO A 238 -2.72 6.88 18.56
N ASP A 239 -4.04 6.79 18.72
CA ASP A 239 -4.64 6.20 19.95
C ASP A 239 -5.18 4.79 19.68
N THR A 240 -4.90 4.21 18.52
CA THR A 240 -5.38 2.86 18.14
C THR A 240 -4.56 1.75 18.80
N ASP A 241 -4.93 0.49 18.55
CA ASP A 241 -4.21 -0.69 19.10
C ASP A 241 -3.36 -1.39 18.02
N PRO A 242 -2.03 -1.45 18.18
CA PRO A 242 -1.16 -2.22 17.27
C PRO A 242 -1.14 -3.73 17.57
N SER A 243 -1.83 -4.16 18.63
CA SER A 243 -1.84 -5.58 19.10
C SER A 243 -3.13 -6.29 18.66
N ALA A 244 -4.08 -5.55 18.10
CA ALA A 244 -5.36 -6.14 17.74
C ALA A 244 -5.24 -6.82 16.39
N TRP A 245 -5.53 -8.12 16.34
CA TRP A 245 -5.45 -8.90 15.09
C TRP A 245 -6.78 -9.60 14.73
N GLU A 246 -7.61 -9.91 15.70
CA GLU A 246 -8.93 -10.53 15.41
C GLU A 246 -9.82 -9.49 14.74
N LYS A 247 -9.93 -8.31 15.34
CA LYS A 247 -10.63 -7.18 14.69
C LYS A 247 -9.63 -6.01 14.69
N PRO A 248 -8.78 -5.86 13.65
CA PRO A 248 -7.86 -4.75 13.58
C PRO A 248 -8.51 -3.42 13.98
N ALA A 249 -7.77 -2.56 14.69
CA ALA A 249 -8.26 -1.30 15.23
C ALA A 249 -8.39 -0.22 14.17
N THR A 250 -8.07 -0.52 12.92
CA THR A 250 -8.16 0.41 11.80
C THR A 250 -9.01 -0.24 10.72
N THR A 251 -9.12 0.46 9.57
CA THR A 251 -10.02 0.05 8.51
C THR A 251 -9.43 -1.08 7.65
N VAL A 252 -8.11 -1.14 7.54
CA VAL A 252 -7.41 -2.09 6.67
C VAL A 252 -7.93 -1.93 5.25
N LEU A 253 -7.96 -0.69 4.77
CA LEU A 253 -8.39 -0.40 3.41
C LEU A 253 -7.23 -0.02 2.49
N SER A 254 -6.00 -0.01 3.01
CA SER A 254 -4.86 0.34 2.18
C SER A 254 -4.61 -0.62 1.02
N PRO A 255 -4.76 -1.95 1.16
CA PRO A 255 -4.57 -2.81 -0.02
C PRO A 255 -5.54 -2.52 -1.14
N TYR A 256 -6.78 -2.14 -0.81
CA TYR A 256 -7.77 -1.85 -1.83
C TYR A 256 -7.57 -0.46 -2.42
N LEU A 257 -7.14 0.50 -1.60
CA LEU A 257 -6.84 1.83 -2.11
C LEU A 257 -5.59 1.84 -2.97
N LYS A 258 -4.62 1.00 -2.68
CA LYS A 258 -3.40 0.95 -3.52
C LYS A 258 -3.77 0.45 -4.92
N PHE A 259 -4.35 -0.74 -5.03
CA PHE A 259 -4.69 -1.26 -6.34
C PHE A 259 -5.83 -0.51 -7.02
N GLY A 260 -6.54 0.33 -6.29
CA GLY A 260 -7.67 1.05 -6.85
C GLY A 260 -9.00 0.36 -6.71
N CYS A 261 -9.08 -0.71 -5.92
CA CYS A 261 -10.35 -1.39 -5.68
C CYS A 261 -11.34 -0.52 -4.93
N LEU A 262 -10.85 0.49 -4.20
CA LEU A 262 -11.70 1.43 -3.48
C LEU A 262 -11.36 2.84 -3.92
N SER A 263 -12.40 3.63 -4.19
CA SER A 263 -12.22 5.02 -4.60
C SER A 263 -11.94 5.89 -3.39
N ALA A 264 -10.87 6.70 -3.47
CA ALA A 264 -10.61 7.67 -2.41
C ALA A 264 -11.67 8.77 -2.38
N ARG A 265 -12.32 9.03 -3.53
CA ARG A 265 -13.38 10.02 -3.56
C ARG A 265 -14.64 9.51 -2.84
N LEU A 266 -14.90 8.21 -2.94
CA LEU A 266 -16.04 7.62 -2.24
C LEU A 266 -15.78 7.56 -0.74
N PHE A 267 -14.55 7.26 -0.33
CA PHE A 267 -14.20 7.26 1.09
C PHE A 267 -14.38 8.66 1.68
N HIS A 268 -13.88 9.68 1.00
CA HIS A 268 -13.97 11.04 1.53
C HIS A 268 -15.42 11.52 1.56
N ALA A 269 -16.23 11.13 0.56
CA ALA A 269 -17.62 11.53 0.54
C ALA A 269 -18.40 10.88 1.68
N ARG A 270 -18.10 9.62 1.99
CA ARG A 270 -18.76 8.95 3.11
C ARG A 270 -18.29 9.50 4.44
N LEU A 271 -17.06 10.00 4.52
CA LEU A 271 -16.59 10.61 5.75
C LEU A 271 -17.28 11.93 6.03
N LEU A 272 -17.55 12.71 4.98
CA LEU A 272 -18.23 14.00 5.17
C LEU A 272 -19.69 13.80 5.58
N GLU A 273 -20.32 12.71 5.13
CA GLU A 273 -21.69 12.44 5.56
C GLU A 273 -21.76 12.19 7.06
N VAL A 274 -20.76 11.49 7.61
CA VAL A 274 -20.74 11.20 9.03
C VAL A 274 -20.35 12.45 9.82
N TYR A 275 -19.46 13.28 9.26
CA TYR A 275 -19.00 14.47 9.97
C TYR A 275 -20.10 15.52 10.08
N ARG A 276 -21.01 15.58 9.10
CA ARG A 276 -22.08 16.56 9.17
C ARG A 276 -23.06 16.26 10.29
N ARG A 277 -23.19 15.00 10.68
CA ARG A 277 -24.09 14.62 11.78
C ARG A 277 -23.36 14.49 13.11
N HIS A 278 -22.03 14.56 13.13
CA HIS A 278 -21.24 14.52 14.35
C HIS A 278 -20.34 15.75 14.38
N PRO A 279 -20.77 16.83 15.04
CA PRO A 279 -19.98 18.07 15.01
C PRO A 279 -18.70 18.00 15.80
N ALA A 280 -18.59 17.10 16.78
CA ALA A 280 -17.40 16.95 17.59
C ALA A 280 -16.44 15.91 17.06
N HIS A 281 -16.50 15.62 15.75
CA HIS A 281 -15.63 14.60 15.18
C HIS A 281 -14.18 15.05 15.21
N SER A 282 -13.27 14.08 15.10
CA SER A 282 -11.85 14.38 15.12
C SER A 282 -11.45 15.13 13.86
N GLN A 283 -10.42 15.97 14.01
CA GLN A 283 -9.84 16.78 12.94
C GLN A 283 -8.50 16.22 12.50
N PRO A 284 -8.05 16.57 11.31
CA PRO A 284 -6.72 16.14 10.82
C PRO A 284 -5.61 16.59 11.75
N PRO A 285 -4.46 15.89 11.78
CA PRO A 285 -4.09 14.71 10.98
C PRO A 285 -4.54 13.40 11.62
N VAL A 286 -5.07 13.41 12.84
CA VAL A 286 -5.41 12.17 13.53
C VAL A 286 -6.71 11.56 13.06
N SER A 287 -7.54 12.31 12.31
CA SER A 287 -8.84 11.81 11.89
C SER A 287 -8.70 10.84 10.73
N LEU A 288 -9.81 10.17 10.41
CA LEU A 288 -9.82 9.27 9.25
C LEU A 288 -9.62 10.05 7.95
N ARG A 289 -10.19 11.25 7.87
CA ARG A 289 -9.94 12.11 6.72
C ARG A 289 -8.48 12.52 6.66
N GLY A 290 -7.87 12.78 7.83
CA GLY A 290 -6.45 13.12 7.86
C GLY A 290 -5.56 12.02 7.33
N GLN A 291 -5.95 10.76 7.56
CA GLN A 291 -5.17 9.64 7.02
C GLN A 291 -5.21 9.62 5.51
N LEU A 292 -6.37 9.95 4.91
CA LEU A 292 -6.43 10.10 3.47
C LEU A 292 -5.60 11.30 3.01
N LEU A 293 -5.48 12.31 3.85
CA LEU A 293 -4.64 13.46 3.54
C LEU A 293 -3.15 13.14 3.63
N TRP A 294 -2.77 12.26 4.56
CA TRP A 294 -1.40 11.75 4.56
C TRP A 294 -1.08 11.06 3.25
N ARG A 295 -2.00 10.22 2.77
CA ARG A 295 -1.85 9.59 1.47
C ARG A 295 -1.75 10.64 0.37
N GLU A 296 -2.49 11.74 0.50
CA GLU A 296 -2.48 12.77 -0.57
C GLU A 296 -1.29 13.70 -0.37
N PHE A 297 -0.78 13.80 0.85
CA PHE A 297 0.38 14.66 1.08
C PHE A 297 1.63 14.04 0.49
N PHE A 298 1.84 12.75 0.75
CA PHE A 298 3.04 12.08 0.25
C PHE A 298 3.01 11.89 -1.26
N TYR A 299 1.81 11.73 -1.84
CA TYR A 299 1.70 11.64 -3.29
C TYR A 299 2.06 12.96 -3.97
N THR A 300 1.74 14.09 -3.33
CA THR A 300 2.05 15.39 -3.93
C THR A 300 3.55 15.68 -3.88
N VAL A 301 4.18 15.40 -2.74
CA VAL A 301 5.60 15.72 -2.58
C VAL A 301 6.45 14.79 -3.44
N GLY A 302 6.18 13.49 -3.40
CA GLY A 302 7.00 12.54 -4.12
C GLY A 302 6.90 12.67 -5.63
N SER A 303 5.78 13.14 -6.14
CA SER A 303 5.64 13.18 -7.61
C SER A 303 6.45 14.37 -8.17
N THR A 304 6.85 15.29 -7.30
CA THR A 304 7.58 16.51 -7.71
C THR A 304 9.01 16.47 -7.17
N THR A 305 9.37 15.41 -6.48
CA THR A 305 10.69 15.35 -5.83
C THR A 305 11.51 14.30 -6.56
N PRO A 306 12.72 14.66 -7.01
CA PRO A 306 13.59 13.72 -7.66
C PRO A 306 14.10 12.61 -6.74
N ASN A 307 14.32 11.40 -7.25
CA ASN A 307 14.92 10.28 -6.46
C ASN A 307 14.24 10.13 -5.08
N PHE A 308 12.91 10.23 -5.01
CA PHE A 308 12.19 10.21 -3.71
C PHE A 308 12.31 8.83 -3.08
N HIS A 309 12.33 7.80 -3.91
CA HIS A 309 12.44 6.40 -3.46
C HIS A 309 13.88 6.02 -3.08
N ARG A 310 14.77 6.99 -2.91
CA ARG A 310 16.19 6.72 -2.65
C ARG A 310 16.70 7.71 -1.62
N MET A 311 17.98 7.55 -1.26
CA MET A 311 18.68 8.52 -0.43
C MET A 311 19.59 9.43 -1.25
N ALA A 312 20.43 8.83 -2.11
CA ALA A 312 21.31 9.64 -2.96
C ALA A 312 20.49 10.35 -4.03
N GLY A 313 20.80 11.63 -4.23
CA GLY A 313 20.06 12.45 -5.17
C GLY A 313 18.74 12.99 -4.65
N ASN A 314 18.29 12.54 -3.49
CA ASN A 314 17.03 13.03 -2.93
C ASN A 314 17.25 14.38 -2.25
N PRO A 315 16.61 15.46 -2.71
CA PRO A 315 16.83 16.76 -2.08
C PRO A 315 16.14 16.94 -0.74
N VAL A 316 15.18 16.05 -0.42
CA VAL A 316 14.36 16.17 0.83
C VAL A 316 14.85 15.20 1.90
N CYS A 317 15.75 14.29 1.53
CA CYS A 317 16.25 13.28 2.47
C CYS A 317 17.56 13.75 3.10
N LYS A 318 17.79 13.28 4.33
CA LYS A 318 19.01 13.66 5.08
C LYS A 318 20.10 12.62 4.81
N GLN A 319 21.25 13.07 4.34
CA GLN A 319 22.40 12.18 4.09
C GLN A 319 22.79 11.57 5.42
N ILE A 320 22.54 10.26 5.59
CA ILE A 320 22.97 9.55 6.82
C ILE A 320 23.86 8.36 6.45
N ASP A 321 25.02 8.21 7.11
CA ASP A 321 26.02 7.13 6.81
C ASP A 321 25.51 5.77 7.30
N TRP A 322 24.32 5.36 6.88
CA TRP A 322 23.71 4.10 7.32
C TRP A 322 24.72 2.97 7.18
N ASP A 323 24.72 2.06 8.13
CA ASP A 323 25.68 0.96 8.14
C ASP A 323 25.26 -0.15 7.19
N ASP A 324 26.26 -0.82 6.61
CA ASP A 324 26.06 -1.98 5.76
C ASP A 324 26.27 -3.24 6.60
N ASN A 325 25.22 -3.81 7.18
CA ASN A 325 25.39 -5.00 8.08
C ASN A 325 24.41 -6.13 7.69
N PRO A 326 24.72 -6.96 6.66
CA PRO A 326 23.80 -8.02 6.18
C PRO A 326 23.35 -8.97 7.29
N GLU A 327 24.12 -9.09 8.36
CA GLU A 327 23.79 -10.05 9.46
C GLU A 327 22.61 -9.50 10.26
N PHE A 328 22.60 -8.20 10.52
CA PHE A 328 21.48 -7.60 11.22
C PHE A 328 20.24 -7.54 10.35
N LEU A 329 20.42 -7.26 9.05
CA LEU A 329 19.27 -7.19 8.15
C LEU A 329 18.61 -8.55 7.98
N ALA A 330 19.42 -9.60 7.82
CA ALA A 330 18.87 -10.95 7.66
C ALA A 330 18.12 -11.39 8.92
N ALA A 331 18.70 -11.15 10.10
CA ALA A 331 18.02 -11.50 11.33
C ALA A 331 16.74 -10.70 11.52
N TRP A 332 16.67 -9.50 10.95
CA TRP A 332 15.48 -8.68 11.08
C TRP A 332 14.37 -9.16 10.14
N ARG A 333 14.70 -9.51 8.90
CA ARG A 333 13.67 -9.92 7.96
C ARG A 333 13.24 -11.37 8.15
N GLU A 334 14.07 -12.20 8.77
CA GLU A 334 13.74 -13.60 9.01
C GLU A 334 13.05 -13.83 10.34
N ALA A 335 12.68 -12.75 11.05
CA ALA A 335 11.96 -12.85 12.32
C ALA A 335 12.72 -13.68 13.34
N ARG A 336 13.98 -13.33 13.55
CA ARG A 336 14.84 -14.03 14.49
C ARG A 336 15.75 -13.05 15.22
N THR A 337 15.21 -11.88 15.56
CA THR A 337 15.99 -10.88 16.28
C THR A 337 16.14 -11.19 17.76
N GLY A 338 15.37 -12.13 18.29
CA GLY A 338 15.35 -12.41 19.70
C GLY A 338 14.32 -11.64 20.49
N PHE A 339 13.69 -10.63 19.89
CA PHE A 339 12.65 -9.86 20.54
C PHE A 339 11.29 -10.33 20.04
N PRO A 340 10.48 -10.95 20.89
CA PRO A 340 9.20 -11.52 20.40
C PRO A 340 8.25 -10.47 19.84
N TRP A 341 8.30 -9.23 20.33
CA TRP A 341 7.44 -8.20 19.77
C TRP A 341 7.84 -7.87 18.33
N ILE A 342 9.15 -7.78 18.08
CA ILE A 342 9.62 -7.48 16.72
C ILE A 342 9.41 -8.69 15.81
N ASP A 343 9.71 -9.89 16.29
CA ASP A 343 9.63 -11.07 15.43
C ASP A 343 8.18 -11.43 15.11
N ALA A 344 7.25 -10.98 15.94
CA ALA A 344 5.82 -11.21 15.65
C ALA A 344 5.35 -10.35 14.48
N ILE A 345 5.79 -9.11 14.40
CA ILE A 345 5.31 -8.15 13.35
C ILE A 345 5.97 -8.51 12.03
N MET A 346 7.23 -8.89 12.08
CA MET A 346 7.95 -9.34 10.86
C MET A 346 7.40 -10.69 10.40
N THR A 347 6.68 -11.40 11.25
CA THR A 347 6.02 -12.68 10.86
C THR A 347 4.67 -12.31 10.22
N GLN A 348 3.90 -11.44 10.87
CA GLN A 348 2.69 -10.92 10.28
C GLN A 348 2.94 -10.27 8.93
N LEU A 349 4.17 -9.79 8.70
CA LEU A 349 4.51 -9.18 7.40
C LEU A 349 4.50 -10.21 6.29
N VAL A 350 5.05 -11.40 6.56
CA VAL A 350 5.17 -12.43 5.52
C VAL A 350 3.97 -13.36 5.45
N THR A 351 3.09 -13.30 6.45
CA THR A 351 1.90 -14.19 6.51
C THR A 351 0.67 -13.43 6.00
N TRP A 352 0.40 -12.23 6.51
CA TRP A 352 -0.75 -11.44 6.11
C TRP A 352 -0.42 -10.38 5.06
N GLY A 353 0.80 -9.84 5.09
CA GLY A 353 1.13 -8.71 4.25
C GLY A 353 0.60 -7.38 4.73
N TRP A 354 0.15 -7.31 5.97
CA TRP A 354 -0.39 -6.07 6.53
C TRP A 354 -0.18 -6.05 8.03
N MET A 355 0.28 -4.91 8.52
CA MET A 355 0.43 -4.72 9.99
C MET A 355 -0.09 -3.34 10.34
N HIS A 356 -0.46 -3.13 11.61
CA HIS A 356 -0.92 -1.83 12.07
C HIS A 356 0.18 -0.78 11.90
N HIS A 357 -0.24 0.49 11.79
CA HIS A 357 0.73 1.56 11.57
C HIS A 357 1.76 1.64 12.69
N LEU A 358 1.30 1.55 13.94
CA LEU A 358 2.25 1.55 15.06
C LEU A 358 3.06 0.27 15.10
N ALA A 359 2.57 -0.82 14.50
CA ALA A 359 3.36 -2.03 14.40
C ALA A 359 4.50 -1.84 13.41
N ARG A 360 4.21 -1.24 12.26
CA ARG A 360 5.26 -0.91 11.30
C ARG A 360 6.24 0.11 11.86
N HIS A 361 5.82 0.88 12.87
CA HIS A 361 6.74 1.84 13.48
C HIS A 361 7.83 1.14 14.28
N SER A 362 7.53 -0.02 14.86
CA SER A 362 8.49 -0.67 15.75
C SER A 362 9.59 -1.39 14.98
N VAL A 363 9.26 -2.03 13.85
CA VAL A 363 10.29 -2.72 13.07
C VAL A 363 11.14 -1.72 12.30
N ALA A 364 10.53 -0.65 11.79
CA ALA A 364 11.28 0.33 11.02
C ALA A 364 12.21 1.14 11.92
N CYS A 365 11.79 1.42 13.14
CA CYS A 365 12.65 2.12 14.08
C CYS A 365 13.74 1.20 14.62
N PHE A 366 13.39 -0.06 14.89
CA PHE A 366 14.38 -1.02 15.38
C PHE A 366 15.49 -1.24 14.36
N LEU A 367 15.15 -1.29 13.08
CA LEU A 367 16.14 -1.57 12.04
C LEU A 367 17.03 -0.36 11.78
N THR A 368 16.46 0.84 11.80
CA THR A 368 17.19 2.03 11.40
C THR A 368 17.75 2.78 12.62
N ARG A 369 17.28 4.01 12.82
CA ARG A 369 17.87 4.92 13.81
C ARG A 369 17.77 4.41 15.24
N GLY A 370 17.08 3.30 15.48
CA GLY A 370 16.90 2.82 16.84
C GLY A 370 18.00 1.90 17.34
N ASP A 371 18.13 0.75 16.68
CA ASP A 371 19.01 -0.29 17.24
C ASP A 371 20.07 -0.79 16.26
N LEU A 372 19.68 -1.10 15.04
CA LEU A 372 20.60 -1.73 14.10
C LEU A 372 21.33 -0.75 13.20
N TYR A 373 20.79 0.46 13.01
CA TYR A 373 21.42 1.50 12.18
C TYR A 373 21.61 1.05 10.75
N VAL A 374 20.69 0.23 10.25
CA VAL A 374 20.70 -0.21 8.85
C VAL A 374 19.86 0.77 8.04
N SER A 375 20.20 0.90 6.76
CA SER A 375 19.53 1.87 5.90
C SER A 375 18.04 1.57 5.79
N TRP A 376 17.25 2.65 5.73
CA TRP A 376 15.81 2.52 5.52
C TRP A 376 15.48 1.98 4.14
N GLU A 377 16.38 2.14 3.16
CA GLU A 377 16.14 1.57 1.84
C GLU A 377 16.15 0.05 1.88
N ARG A 378 17.01 -0.54 2.71
CA ARG A 378 17.06 -2.00 2.82
C ARG A 378 15.77 -2.56 3.41
N GLY A 379 15.25 -1.91 4.46
CA GLY A 379 13.98 -2.33 5.02
C GLY A 379 12.80 -2.03 4.12
N MET A 380 12.88 -0.98 3.32
CA MET A 380 11.81 -0.67 2.39
C MET A 380 11.71 -1.73 1.29
N GLU A 381 12.85 -2.30 0.88
CA GLU A 381 12.83 -3.36 -0.13
C GLU A 381 12.16 -4.62 0.41
N VAL A 382 12.31 -4.86 1.72
CA VAL A 382 11.63 -6.01 2.40
C VAL A 382 10.13 -5.73 2.48
N PHE A 383 9.72 -4.48 2.71
CA PHE A 383 8.27 -4.16 2.73
C PHE A 383 7.70 -4.25 1.31
N GLU A 384 8.46 -3.79 0.30
CA GLU A 384 7.96 -3.72 -1.10
C GLU A 384 7.58 -5.10 -1.63
N GLU A 385 8.04 -6.18 -1.01
CA GLU A 385 7.75 -7.56 -1.47
C GLU A 385 6.57 -8.17 -0.71
N HIS A 386 6.50 -7.91 0.59
CA HIS A 386 5.45 -8.59 1.38
C HIS A 386 4.19 -7.74 1.53
N LEU A 387 4.35 -6.43 1.66
CA LEU A 387 3.15 -5.60 1.93
C LEU A 387 2.18 -5.62 0.75
N ILE A 388 0.96 -6.16 0.94
CA ILE A 388 -0.08 -6.17 -0.09
C ILE A 388 -0.64 -4.79 -0.36
N ASP A 389 -0.27 -3.79 0.44
CA ASP A 389 -0.65 -2.40 0.21
C ASP A 389 0.54 -1.56 -0.23
N GLN A 390 1.56 -2.19 -0.81
CA GLN A 390 2.80 -1.50 -1.15
C GLN A 390 2.57 -0.39 -2.16
N ASP A 391 2.63 0.86 -1.68
CA ASP A 391 2.54 2.06 -2.53
C ASP A 391 3.94 2.66 -2.64
N HIS A 392 4.35 3.11 -3.81
CA HIS A 392 5.72 3.65 -4.04
C HIS A 392 5.97 4.90 -3.19
N TYR A 393 5.14 5.90 -3.36
CA TYR A 393 5.28 7.18 -2.63
C TYR A 393 4.95 7.00 -1.16
N LEU A 394 4.03 6.09 -0.80
CA LEU A 394 3.74 6.02 0.64
C LEU A 394 4.81 5.23 1.38
N ASN A 395 5.31 4.16 0.79
CA ASN A 395 6.41 3.39 1.35
C ASN A 395 7.63 4.28 1.61
N ALA A 396 8.04 5.06 0.60
CA ALA A 396 9.30 5.77 0.70
C ALA A 396 9.22 6.91 1.71
N ALA A 397 8.11 7.65 1.74
CA ALA A 397 8.00 8.77 2.66
C ALA A 397 7.91 8.29 4.11
N ASN A 398 7.21 7.18 4.34
CA ASN A 398 7.06 6.66 5.69
C ASN A 398 8.34 6.00 6.19
N TRP A 399 9.13 5.40 5.30
CA TRP A 399 10.42 4.87 5.72
C TRP A 399 11.44 5.98 5.97
N MET A 400 11.35 7.08 5.22
CA MET A 400 12.17 8.24 5.56
C MET A 400 11.67 8.90 6.83
N TRP A 401 10.37 8.80 7.12
CA TRP A 401 9.83 9.31 8.37
C TRP A 401 10.42 8.56 9.56
N LEU A 402 10.45 7.23 9.47
CA LEU A 402 10.90 6.41 10.60
C LEU A 402 12.41 6.47 10.79
N SER A 403 13.17 6.81 9.75
CA SER A 403 14.61 6.88 9.84
C SER A 403 15.11 8.27 10.19
N ALA A 404 14.20 9.19 10.53
CA ALA A 404 14.55 10.59 10.83
C ALA A 404 15.34 11.24 9.70
N SER A 405 15.14 10.69 8.50
CA SER A 405 15.82 11.24 7.29
C SER A 405 14.94 12.30 6.62
N ALA A 406 13.63 12.28 6.85
CA ALA A 406 12.72 13.32 6.30
C ALA A 406 11.41 13.44 7.08
N PHE A 407 10.85 14.65 7.14
CA PHE A 407 9.54 14.93 7.79
C PHE A 407 9.65 14.79 9.31
N PHE A 408 10.36 13.78 9.78
CA PHE A 408 10.57 13.55 11.21
C PHE A 408 12.03 13.89 11.54
N SER A 409 12.22 14.61 12.63
CA SER A 409 13.58 15.06 13.03
C SER A 409 13.78 14.76 14.52
N GLN A 410 12.97 13.88 15.12
CA GLN A 410 13.07 13.71 16.59
C GLN A 410 13.70 12.35 16.92
N TYR A 411 15.02 12.20 16.72
CA TYR A 411 15.70 10.91 16.93
C TYR A 411 15.89 10.56 18.41
N PHE A 412 15.55 11.45 19.33
CA PHE A 412 15.65 11.05 20.76
C PHE A 412 14.44 10.18 21.11
N ARG A 413 13.46 10.03 20.21
CA ARG A 413 12.28 9.22 20.44
C ARG A 413 12.51 7.85 19.82
N VAL A 414 12.92 6.88 20.63
CA VAL A 414 13.18 5.53 20.17
C VAL A 414 12.19 4.58 20.86
N TYR A 415 11.50 3.72 20.14
CA TYR A 415 10.61 2.73 20.80
C TYR A 415 11.42 1.60 21.43
N SER A 416 10.96 1.04 22.56
CA SER A 416 11.65 -0.12 23.17
C SER A 416 11.09 -1.40 22.56
N PRO A 417 11.94 -2.29 22.00
CA PRO A 417 11.45 -3.51 21.37
C PRO A 417 10.79 -4.46 22.38
N VAL A 418 10.67 -4.00 23.61
CA VAL A 418 10.15 -4.85 24.72
C VAL A 418 9.00 -4.17 25.44
N VAL A 419 9.00 -2.84 25.58
CA VAL A 419 7.98 -2.19 26.44
C VAL A 419 6.80 -1.62 25.66
N PHE A 420 6.95 -1.33 24.37
CA PHE A 420 5.86 -0.69 23.57
C PHE A 420 4.68 -1.67 23.49
N GLY A 421 4.93 -2.88 23.00
CA GLY A 421 3.79 -3.77 22.89
C GLY A 421 3.19 -4.20 24.21
N LYS A 422 3.89 -4.05 25.34
CA LYS A 422 3.38 -4.51 26.67
C LYS A 422 2.24 -3.61 27.16
N LYS A 423 2.30 -2.34 26.77
CA LYS A 423 1.27 -1.34 27.14
C LYS A 423 -0.07 -1.81 26.61
N TYR A 424 -0.09 -2.36 25.40
CA TYR A 424 -1.36 -2.73 24.79
C TYR A 424 -1.74 -4.18 25.07
N ASP A 425 -0.77 -5.08 25.06
CA ASP A 425 -1.01 -6.52 25.18
C ASP A 425 -0.03 -7.10 26.18
N PRO A 426 -0.33 -6.98 27.48
CA PRO A 426 0.57 -7.56 28.48
C PRO A 426 0.57 -9.08 28.48
N GLU A 427 -0.55 -9.71 28.08
CA GLU A 427 -0.60 -11.16 28.00
C GLU A 427 0.10 -11.72 26.76
N GLY A 428 0.42 -10.86 25.79
CA GLY A 428 1.08 -11.33 24.59
C GLY A 428 0.21 -12.12 23.64
N ARG A 429 -1.09 -11.82 23.57
CA ARG A 429 -1.96 -12.56 22.66
C ARG A 429 -1.47 -12.49 21.22
N PHE A 430 -1.11 -11.28 20.78
CA PHE A 430 -0.50 -11.04 19.44
C PHE A 430 0.74 -11.92 19.25
N ILE A 431 1.59 -12.02 20.29
CA ILE A 431 2.81 -12.78 20.11
C ILE A 431 2.52 -14.28 20.05
N ARG A 432 1.64 -14.77 20.92
CA ARG A 432 1.31 -16.18 20.93
C ARG A 432 0.61 -16.61 19.65
N LYS A 433 0.09 -15.67 18.86
CA LYS A 433 -0.66 -16.07 17.65
C LYS A 433 0.34 -16.28 16.51
N PHE A 434 1.17 -15.27 16.28
CA PHE A 434 2.10 -15.38 15.17
C PHE A 434 3.40 -16.08 15.52
N LEU A 435 3.72 -16.20 16.81
CA LEU A 435 4.89 -16.95 17.29
C LEU A 435 4.39 -18.05 18.22
N PRO A 436 3.88 -19.15 17.66
CA PRO A 436 3.36 -20.23 18.53
C PRO A 436 4.43 -20.96 19.32
N VAL A 437 5.71 -20.73 19.04
CA VAL A 437 6.78 -21.34 19.83
C VAL A 437 6.83 -20.78 21.24
N LEU A 438 6.13 -19.67 21.51
CA LEU A 438 6.07 -19.06 22.83
C LEU A 438 4.66 -19.07 23.40
N LYS A 439 3.80 -20.00 22.96
CA LYS A 439 2.38 -20.07 23.37
C LYS A 439 2.18 -20.46 24.84
N ASP A 440 3.11 -21.20 25.42
CA ASP A 440 3.01 -21.62 26.83
C ASP A 440 3.90 -20.74 27.72
N MET A 441 4.60 -19.74 27.16
CA MET A 441 5.45 -18.94 28.03
C MET A 441 4.59 -18.03 28.91
N PRO A 442 4.90 -17.94 30.20
CA PRO A 442 4.14 -17.02 31.05
C PRO A 442 4.29 -15.57 30.59
N ALA A 443 3.24 -14.78 30.86
CA ALA A 443 3.22 -13.40 30.40
C ALA A 443 4.31 -12.55 31.06
N LYS A 444 4.88 -12.99 32.16
CA LYS A 444 5.92 -12.20 32.86
C LYS A 444 7.19 -12.16 32.01
N TYR A 445 7.44 -13.20 31.20
CA TYR A 445 8.68 -13.29 30.39
C TYR A 445 8.40 -13.41 28.88
N ILE A 446 7.15 -13.18 28.45
CA ILE A 446 6.75 -13.32 27.01
C ILE A 446 7.50 -12.29 26.15
N TYR A 447 7.66 -11.07 26.67
CA TYR A 447 8.40 -10.03 25.96
C TYR A 447 9.90 -10.07 26.22
N GLU A 448 10.34 -10.84 27.22
CA GLU A 448 11.76 -10.99 27.54
C GLU A 448 12.02 -12.46 27.86
N PRO A 449 12.02 -13.33 26.84
CA PRO A 449 12.22 -14.76 27.12
C PRO A 449 13.60 -15.10 27.63
N TRP A 450 14.62 -14.31 27.29
CA TRP A 450 15.96 -14.56 27.78
C TRP A 450 16.11 -14.30 29.28
N THR A 451 15.14 -13.62 29.88
CA THR A 451 15.14 -13.36 31.32
C THR A 451 14.42 -14.43 32.11
N ALA A 452 13.72 -15.34 31.40
CA ALA A 452 12.93 -16.40 32.06
C ALA A 452 13.83 -17.45 32.70
N PRO A 453 13.46 -18.04 33.85
CA PRO A 453 14.18 -19.18 34.39
C PRO A 453 14.16 -20.38 33.43
N LEU A 454 15.10 -21.31 33.61
CA LEU A 454 15.24 -22.44 32.64
C LEU A 454 14.20 -23.51 32.94
N GLU A 455 13.93 -23.76 34.20
CA GLU A 455 12.76 -24.63 34.52
C GLU A 455 11.56 -24.03 33.78
N VAL A 456 11.38 -22.72 33.92
CA VAL A 456 10.29 -22.03 33.17
C VAL A 456 10.48 -22.29 31.68
N GLN A 457 11.69 -22.07 31.15
CA GLN A 457 11.81 -22.24 29.68
C GLN A 457 11.38 -23.65 29.25
N ARG A 458 11.81 -24.70 29.95
CA ARG A 458 11.52 -26.07 29.53
C ARG A 458 10.05 -26.42 29.75
N LYS A 459 9.46 -25.96 30.86
CA LYS A 459 8.01 -26.21 31.11
C LYS A 459 7.18 -25.62 29.96
N ALA A 460 7.72 -24.63 29.25
CA ALA A 460 6.91 -23.96 28.20
C ALA A 460 7.33 -24.40 26.80
N GLY A 461 8.45 -25.09 26.71
CA GLY A 461 8.90 -25.60 25.41
C GLY A 461 9.59 -24.53 24.59
N CYS A 462 10.15 -23.54 25.26
CA CYS A 462 10.93 -22.53 24.52
C CYS A 462 12.23 -22.24 25.27
N VAL A 463 13.25 -23.02 24.96
CA VAL A 463 14.54 -22.69 25.57
C VAL A 463 15.24 -21.67 24.69
N VAL A 464 15.68 -20.56 25.29
CA VAL A 464 16.36 -19.50 24.55
C VAL A 464 17.70 -20.04 24.07
N GLY A 465 17.93 -19.95 22.76
CA GLY A 465 19.12 -20.47 22.13
C GLY A 465 18.91 -21.78 21.40
N ARG A 466 17.83 -22.50 21.68
CA ARG A 466 17.52 -23.75 21.02
C ARG A 466 16.22 -23.70 20.24
N ASP A 467 15.15 -23.17 20.86
CA ASP A 467 13.81 -23.11 20.22
C ASP A 467 13.54 -21.66 19.78
N TYR A 468 14.05 -20.69 20.52
CA TYR A 468 13.88 -19.29 20.17
C TYR A 468 15.23 -18.60 20.35
N PRO A 469 15.64 -17.77 19.40
CA PRO A 469 16.98 -17.17 19.49
C PRO A 469 17.06 -16.08 20.55
N ALA A 470 18.27 -15.87 21.05
CA ALA A 470 18.53 -14.80 22.00
C ALA A 470 18.49 -13.45 21.28
N PRO A 471 18.29 -12.35 22.02
CA PRO A 471 18.31 -11.03 21.38
C PRO A 471 19.66 -10.74 20.75
N ILE A 472 19.63 -10.30 19.50
CA ILE A 472 20.86 -10.04 18.76
C ILE A 472 21.62 -8.85 19.32
N VAL A 473 20.94 -7.93 19.99
CA VAL A 473 21.56 -6.73 20.55
C VAL A 473 20.97 -6.45 21.92
N ASP A 474 21.66 -5.59 22.67
CA ASP A 474 21.13 -5.02 23.91
C ASP A 474 20.54 -3.65 23.57
N HIS A 475 19.25 -3.49 23.80
CA HIS A 475 18.56 -2.27 23.39
C HIS A 475 19.14 -1.04 24.07
N ALA A 476 19.50 -1.16 25.35
CA ALA A 476 20.06 -0.02 26.07
C ALA A 476 21.42 0.38 25.49
N VAL A 477 22.20 -0.60 25.03
CA VAL A 477 23.50 -0.30 24.43
C VAL A 477 23.33 0.16 22.98
N ALA A 478 22.44 -0.50 22.23
CA ALA A 478 22.29 -0.18 20.82
C ALA A 478 21.67 1.21 20.63
N SER A 479 20.61 1.51 21.37
CA SER A 479 19.94 2.80 21.22
C SER A 479 20.83 3.96 21.64
N LYS A 480 21.66 3.73 22.67
CA LYS A 480 22.58 4.80 23.14
C LYS A 480 23.57 5.13 22.03
N ALA A 481 24.01 4.13 21.27
CA ALA A 481 25.02 4.33 20.25
C ALA A 481 24.42 4.93 18.98
N CYS A 482 23.20 4.54 18.62
CA CYS A 482 22.57 5.05 17.42
C CYS A 482 22.13 6.50 17.59
N ILE A 483 21.65 6.86 18.79
CA ILE A 483 21.18 8.22 19.01
C ILE A 483 22.32 9.24 18.90
N ALA A 484 23.50 8.87 19.42
CA ALA A 484 24.63 9.79 19.39
C ALA A 484 25.06 10.10 17.96
N ARG A 485 25.02 9.10 17.08
CA ARG A 485 25.40 9.33 15.70
C ARG A 485 24.36 10.15 14.95
N MET A 486 23.07 9.99 15.29
CA MET A 486 22.04 10.80 14.66
C MET A 486 22.16 12.27 15.05
N ALA A 487 22.60 12.52 16.27
CA ALA A 487 22.77 13.91 16.71
C ALA A 487 23.99 14.55 16.03
N ALA A 488 25.01 13.77 15.66
CA ALA A 488 26.15 14.36 14.92
C ALA A 488 25.76 14.71 13.49
N ALA A 489 24.99 13.84 12.84
CA ALA A 489 24.60 14.05 11.43
C ALA A 489 23.70 15.28 11.28
N TYR A 490 22.86 15.55 12.29
CA TYR A 490 21.89 16.68 12.23
C TYR A 490 22.59 17.97 12.59
N ARG A 491 23.90 17.96 12.78
CA ARG A 491 24.68 19.16 13.05
C ARG A 491 25.39 19.65 11.78
PA FAD B . -6.36 3.77 8.23
O1A FAD B . -7.73 3.25 8.34
O2A FAD B . -5.71 4.26 9.47
O5B FAD B . -6.31 4.95 7.15
C5B FAD B . -7.09 4.79 5.97
C4B FAD B . -6.22 5.04 4.75
O4B FAD B . -5.44 6.25 4.93
C3B FAD B . -5.19 3.96 4.44
O3B FAD B . -5.86 2.89 3.79
C2B FAD B . -4.20 4.74 3.58
O2B FAD B . -4.62 4.90 2.24
C1B FAD B . -4.19 6.09 4.29
N9A FAD B . -3.13 6.19 5.29
C8A FAD B . -3.17 5.83 6.61
N7A FAD B . -2.05 6.04 7.26
C5A FAD B . -1.21 6.58 6.30
C6A FAD B . 0.12 7.02 6.37
N6A FAD B . 0.86 6.98 7.47
N1A FAD B . 0.67 7.50 5.23
C2A FAD B . -0.08 7.54 4.12
N3A FAD B . -1.34 7.16 3.94
C4A FAD B . -1.85 6.68 5.08
N1 FAD B . 0.71 2.67 3.63
C2 FAD B . 0.38 2.10 2.47
O2 FAD B . -0.78 2.14 2.04
N3 FAD B . 1.31 1.47 1.69
C4 FAD B . 2.62 1.34 2.08
O4 FAD B . 3.43 0.79 1.31
C4X FAD B . 2.97 1.84 3.37
N5 FAD B . 4.18 1.66 3.81
C5X FAD B . 4.47 2.08 5.08
C6 FAD B . 5.77 1.90 5.58
C7 FAD B . 6.12 2.31 6.85
C7M FAD B . 7.52 2.12 7.36
C8 FAD B . 5.15 2.96 7.67
C8M FAD B . 5.47 3.43 9.06
C9 FAD B . 3.89 3.22 7.15
C9A FAD B . 3.53 2.78 5.87
N10 FAD B . 2.24 2.99 5.35
C10 FAD B . 1.94 2.51 4.10
C1' FAD B . 1.23 3.72 6.12
C2' FAD B . 0.35 3.04 7.16
O2' FAD B . 1.14 2.18 7.97
C3' FAD B . -0.77 2.28 6.46
O3' FAD B . -1.41 3.11 5.50
C4' FAD B . -1.80 1.75 7.46
O4' FAD B . -1.12 0.88 8.36
C5' FAD B . -2.91 1.02 6.73
O5' FAD B . -3.98 0.75 7.64
P FAD B . -5.47 1.15 7.25
O1P FAD B . -6.29 0.46 8.27
O2P FAD B . -5.74 0.92 5.81
O3P FAD B . -5.41 2.71 7.52
CL CL C . 8.35 2.92 23.96
#